data_8PH6
#
_entry.id   8PH6
#
_cell.length_a   76.880
_cell.length_b   76.880
_cell.length_c   38.610
_cell.angle_alpha   90.000
_cell.angle_beta   90.000
_cell.angle_gamma   90.000
#
_symmetry.space_group_name_H-M   'P 43 21 2'
#
loop_
_entity.id
_entity.type
_entity.pdbx_description
1 polymer 'Lysozyme C'
2 non-polymer '4-(2-HYDROXYETHYL)-1-PIPERAZINE ETHANESULFONIC ACID'
3 non-polymer [Ru2(DPhF)(Formate)(CO3)]
4 non-polymer [Ru2(DPhF)(Formate)]
5 non-polymer Ru2(DPhF)(CO3)3
6 non-polymer Ru2(DPhF)(CO3)2(Formate)
7 water water
#
_entity_poly.entity_id   1
_entity_poly.type   'polypeptide(L)'
_entity_poly.pdbx_seq_one_letter_code
;KVFGRCELAAAMKRHGLDNYRGYSLGNWVCAAKFESNFNTQATNRNTDGSTDYGILQINSRWWCNDGRTPGSRNLCNIPC
SALLSSDITASVNCAKKIVSDGNGMNAWVAWRNRCKGTDVQAWIRGCRL
;
_entity_poly.pdbx_strand_id   A
#
loop_
_chem_comp.id
_chem_comp.type
_chem_comp.name
_chem_comp.formula
EPE non-polymer '4-(2-HYDROXYETHYL)-1-PIPERAZINE ETHANESULFONIC ACID' 'C8 H18 N2 O4 S'
YWV D-beta-peptide, C-gamma linking [Ru2(DPhF)(Formate)] 'C14 H14 N2 O2 Ru2'
ZWL non-polymer [Ru2(DPhF)(Formate)(CO3)] 'C15 H14 N2 O5 Ru2'
ZWO non-polymer Ru2(DPhF)(CO3)3 'C16 H12 N2 O9 Ru2'
ZXE non-polymer Ru2(DPhF)(CO3)2(Formate) 'C16 H14 N2 O8 Ru2'
#
# COMPACT_ATOMS: atom_id res chain seq x y z
N LYS A 1 -5.73 2.15 -12.62
CA LYS A 1 -6.99 2.75 -12.13
C LYS A 1 -6.62 3.77 -11.07
N VAL A 2 -7.18 4.96 -11.17
CA VAL A 2 -7.07 5.96 -10.12
C VAL A 2 -8.37 5.91 -9.31
N PHE A 3 -8.24 5.51 -8.06
CA PHE A 3 -9.38 5.43 -7.18
C PHE A 3 -9.76 6.82 -6.67
N GLY A 4 -11.09 6.98 -6.43
CA GLY A 4 -11.53 8.02 -5.52
C GLY A 4 -11.18 7.65 -4.07
N ARG A 5 -11.20 8.64 -3.21
CA ARG A 5 -10.86 8.44 -1.81
C ARG A 5 -11.80 7.48 -1.10
N CYS A 6 -13.12 7.75 -1.15
CA CYS A 6 -14.08 6.87 -0.51
C CYS A 6 -14.15 5.50 -1.20
N GLU A 7 -13.98 5.50 -2.54
CA GLU A 7 -13.94 4.29 -3.32
C GLU A 7 -12.83 3.36 -2.81
N LEU A 8 -11.64 3.92 -2.59
CA LEU A 8 -10.53 3.13 -2.06
C LEU A 8 -10.77 2.71 -0.61
N ALA A 9 -11.32 3.61 0.20
CA ALA A 9 -11.60 3.27 1.59
C ALA A 9 -12.49 2.03 1.64
N ALA A 10 -13.55 2.01 0.80
CA ALA A 10 -14.49 0.91 0.84
C ALA A 10 -13.83 -0.41 0.41
N ALA A 11 -12.95 -0.35 -0.62
CA ALA A 11 -12.28 -1.54 -1.09
C ALA A 11 -11.29 -2.07 -0.04
N MET A 12 -10.53 -1.14 0.57
CA MET A 12 -9.60 -1.53 1.61
C MET A 12 -10.33 -2.17 2.80
N LYS A 13 -11.46 -1.58 3.18
CA LYS A 13 -12.25 -2.15 4.26
C LYS A 13 -12.78 -3.56 3.93
N ARG A 14 -13.15 -3.82 2.69
N ARG A 14 -13.41 -3.54 2.74
CA ARG A 14 -13.64 -5.13 2.32
CA ARG A 14 -13.97 -4.73 2.13
C ARG A 14 -12.57 -6.20 2.40
C ARG A 14 -12.92 -5.85 2.22
N HIS A 15 -11.35 -5.85 1.98
N HIS A 15 -11.62 -5.50 2.04
CA HIS A 15 -10.23 -6.78 2.00
CA HIS A 15 -10.49 -6.45 1.95
C HIS A 15 -9.59 -6.78 3.38
C HIS A 15 -9.78 -6.75 3.27
N GLY A 16 -10.22 -6.17 4.37
CA GLY A 16 -9.79 -6.49 5.73
C GLY A 16 -8.64 -5.63 6.26
N LEU A 17 -8.37 -4.46 5.68
CA LEU A 17 -7.33 -3.57 6.22
C LEU A 17 -7.74 -2.69 7.38
N ASP A 18 -9.04 -2.39 7.62
N ASP A 18 -9.01 -2.46 7.57
CA ASP A 18 -9.42 -1.54 8.76
CA ASP A 18 -9.40 -1.60 8.65
C ASP A 18 -9.04 -2.23 10.05
C ASP A 18 -8.99 -2.26 9.98
N ASN A 19 -8.10 -1.58 10.75
CA ASN A 19 -7.61 -2.06 12.03
C ASN A 19 -6.65 -3.24 11.90
N TYR A 20 -6.15 -3.54 10.70
CA TYR A 20 -5.20 -4.61 10.54
C TYR A 20 -3.88 -4.24 11.20
N ARG A 21 -3.38 -5.11 12.08
CA ARG A 21 -2.23 -4.82 12.92
C ARG A 21 -2.41 -3.51 13.70
N GLY A 22 -3.66 -3.17 14.01
CA GLY A 22 -4.02 -2.03 14.82
C GLY A 22 -4.05 -0.71 14.04
N TYR A 23 -3.92 -0.70 12.72
CA TYR A 23 -3.90 0.53 11.94
C TYR A 23 -5.29 0.76 11.36
N SER A 24 -5.92 1.82 11.81
CA SER A 24 -7.27 2.19 11.35
C SER A 24 -7.28 2.47 9.86
N LEU A 25 -8.45 2.33 9.26
CA LEU A 25 -8.60 2.52 7.82
C LEU A 25 -8.02 3.82 7.33
N GLY A 26 -8.20 4.93 8.05
CA GLY A 26 -7.66 6.18 7.61
C GLY A 26 -6.15 6.17 7.39
N ASN A 27 -5.42 5.42 8.21
CA ASN A 27 -3.99 5.25 7.99
C ASN A 27 -3.67 4.69 6.62
N TRP A 28 -4.43 3.67 6.19
CA TRP A 28 -4.19 3.01 4.92
C TRP A 28 -4.56 3.93 3.75
N VAL A 29 -5.68 4.66 3.90
CA VAL A 29 -6.08 5.60 2.85
C VAL A 29 -5.05 6.73 2.72
N CYS A 30 -4.63 7.28 3.85
CA CYS A 30 -3.58 8.29 3.86
C CYS A 30 -2.27 7.80 3.21
N ALA A 31 -1.88 6.57 3.54
CA ALA A 31 -0.67 6.03 2.97
C ALA A 31 -0.83 5.96 1.46
N ALA A 32 -1.95 5.43 0.97
CA ALA A 32 -2.16 5.32 -0.46
C ALA A 32 -2.12 6.66 -1.15
N LYS A 33 -2.75 7.67 -0.52
CA LYS A 33 -2.77 8.98 -1.10
C LYS A 33 -1.36 9.48 -1.37
N PHE A 34 -0.49 9.40 -0.33
CA PHE A 34 0.82 10.00 -0.44
C PHE A 34 1.82 9.05 -1.12
N GLU A 35 1.61 7.76 -1.12
CA GLU A 35 2.52 6.86 -1.81
C GLU A 35 2.25 6.92 -3.32
N SER A 36 0.99 6.91 -3.76
CA SER A 36 0.65 6.65 -5.17
C SER A 36 -0.33 7.67 -5.73
N ASN A 37 -0.85 8.61 -4.93
CA ASN A 37 -1.97 9.44 -5.37
C ASN A 37 -3.16 8.59 -5.80
N PHE A 38 -3.39 7.48 -5.15
CA PHE A 38 -4.51 6.57 -5.37
C PHE A 38 -4.46 5.89 -6.75
N ASN A 39 -3.27 5.81 -7.37
CA ASN A 39 -3.10 5.28 -8.71
C ASN A 39 -2.49 3.87 -8.69
N THR A 40 -3.23 2.84 -9.07
CA THR A 40 -2.71 1.51 -9.05
C THR A 40 -1.50 1.36 -9.96
N GLN A 41 -1.37 2.19 -11.00
CA GLN A 41 -0.32 2.01 -12.00
C GLN A 41 0.98 2.69 -11.60
N ALA A 42 1.05 3.39 -10.45
CA ALA A 42 2.25 4.12 -10.09
C ALA A 42 3.45 3.21 -9.92
N THR A 43 4.60 3.64 -10.47
CA THR A 43 5.90 3.00 -10.31
C THR A 43 6.93 4.06 -10.02
N ASN A 44 7.90 3.83 -9.10
N ASN A 44 7.91 3.69 -9.20
CA ASN A 44 8.98 4.78 -8.79
CA ASN A 44 8.97 4.60 -8.89
C ASN A 44 10.27 4.04 -8.47
C ASN A 44 10.25 3.82 -8.62
N ARG A 45 11.30 4.20 -9.34
CA ARG A 45 12.62 3.62 -9.16
C ARG A 45 13.23 4.11 -7.85
N ASN A 46 13.97 3.24 -7.17
CA ASN A 46 14.69 3.55 -5.95
C ASN A 46 16.21 3.60 -6.25
N THR A 47 16.95 4.18 -5.29
N THR A 47 16.98 4.28 -5.39
CA THR A 47 18.37 4.42 -5.49
CA THR A 47 18.43 4.37 -5.60
C THR A 47 19.13 3.11 -5.59
C THR A 47 19.10 3.02 -5.72
N ASP A 48 18.70 2.04 -4.91
CA ASP A 48 19.39 0.76 -4.92
C ASP A 48 19.09 -0.06 -6.16
N GLY A 49 18.25 0.44 -7.09
CA GLY A 49 17.95 -0.28 -8.30
C GLY A 49 16.62 -1.04 -8.23
N SER A 50 16.04 -1.18 -7.04
CA SER A 50 14.69 -1.68 -6.90
C SER A 50 13.68 -0.65 -7.43
N THR A 51 12.43 -1.08 -7.48
CA THR A 51 11.31 -0.21 -7.86
C THR A 51 10.14 -0.48 -6.91
N ASP A 52 9.38 0.59 -6.64
CA ASP A 52 8.13 0.49 -5.89
C ASP A 52 6.94 0.46 -6.85
N TYR A 53 5.98 -0.38 -6.55
CA TYR A 53 4.87 -0.68 -7.43
C TYR A 53 3.51 -0.51 -6.74
N GLY A 54 2.60 0.15 -7.45
CA GLY A 54 1.17 0.12 -7.18
C GLY A 54 0.73 1.13 -6.12
N ILE A 55 -0.54 0.94 -5.70
CA ILE A 55 -1.21 1.91 -4.89
C ILE A 55 -0.55 2.09 -3.53
N LEU A 56 0.19 1.07 -3.07
CA LEU A 56 0.93 1.15 -1.81
C LEU A 56 2.44 0.99 -2.04
N GLN A 57 2.91 1.22 -3.28
CA GLN A 57 4.34 1.40 -3.54
C GLN A 57 5.17 0.33 -2.84
N ILE A 58 4.89 -0.90 -3.19
CA ILE A 58 5.52 -2.09 -2.64
C ILE A 58 6.82 -2.39 -3.41
N ASN A 59 7.88 -2.66 -2.67
CA ASN A 59 9.26 -2.67 -3.16
C ASN A 59 9.69 -4.04 -3.69
N SER A 60 10.34 -4.03 -4.86
CA SER A 60 10.84 -5.21 -5.51
C SER A 60 12.09 -5.78 -4.83
N ARG A 61 12.68 -5.01 -3.90
N ARG A 61 12.75 -5.13 -3.91
CA ARG A 61 13.84 -5.42 -3.12
CA ARG A 61 13.89 -5.82 -3.31
C ARG A 61 13.50 -6.66 -2.30
C ARG A 61 13.41 -6.97 -2.44
N TRP A 62 12.24 -6.78 -1.81
CA TRP A 62 11.78 -7.80 -0.87
C TRP A 62 10.55 -8.56 -1.31
N TRP A 63 9.59 -7.88 -1.97
CA TRP A 63 8.20 -8.33 -1.88
C TRP A 63 7.66 -8.94 -3.16
N CYS A 64 8.21 -8.56 -4.33
CA CYS A 64 7.72 -9.03 -5.61
C CYS A 64 8.88 -9.15 -6.58
N ASN A 65 8.62 -9.90 -7.64
CA ASN A 65 9.60 -10.09 -8.69
C ASN A 65 9.33 -9.21 -9.91
N ASP A 66 10.32 -8.36 -10.22
CA ASP A 66 10.25 -7.53 -11.42
C ASP A 66 11.32 -7.91 -12.46
N GLY A 67 12.14 -8.91 -12.21
CA GLY A 67 13.15 -9.37 -13.16
C GLY A 67 14.34 -8.46 -13.32
N ARG A 68 14.44 -7.35 -12.61
CA ARG A 68 15.59 -6.48 -12.77
C ARG A 68 16.13 -5.96 -11.46
N THR A 69 15.88 -6.68 -10.37
CA THR A 69 16.36 -6.28 -9.06
C THR A 69 17.24 -7.44 -8.59
N PRO A 70 18.47 -7.57 -9.14
CA PRO A 70 19.28 -8.77 -8.90
C PRO A 70 19.51 -8.95 -7.42
N GLY A 71 19.41 -10.20 -6.97
CA GLY A 71 19.69 -10.49 -5.58
C GLY A 71 18.51 -10.28 -4.65
N SER A 72 17.36 -9.87 -5.19
CA SER A 72 16.18 -9.51 -4.41
C SER A 72 15.36 -10.75 -4.06
N ARG A 73 14.42 -10.55 -3.13
CA ARG A 73 13.47 -11.55 -2.76
C ARG A 73 12.10 -11.23 -3.39
N ASN A 74 11.18 -12.16 -3.20
CA ASN A 74 9.82 -12.12 -3.71
C ASN A 74 8.96 -12.78 -2.62
N LEU A 75 8.87 -12.08 -1.49
CA LEU A 75 8.22 -12.67 -0.32
C LEU A 75 6.70 -12.75 -0.48
N CYS A 76 6.07 -11.91 -1.32
CA CYS A 76 4.66 -12.05 -1.61
C CYS A 76 4.38 -13.06 -2.73
N ASN A 77 5.46 -13.56 -3.33
N ASN A 77 5.42 -13.60 -3.38
CA ASN A 77 5.48 -14.61 -4.36
CA ASN A 77 5.28 -14.65 -4.37
C ASN A 77 4.58 -14.24 -5.53
C ASN A 77 4.40 -14.17 -5.52
N ILE A 78 4.79 -13.01 -6.08
CA ILE A 78 4.02 -12.44 -7.18
C ILE A 78 4.92 -11.66 -8.11
N PRO A 79 4.56 -11.54 -9.40
N PRO A 79 4.59 -11.58 -9.40
CA PRO A 79 5.25 -10.58 -10.25
CA PRO A 79 5.16 -10.54 -10.27
C PRO A 79 4.85 -9.20 -9.75
C PRO A 79 4.75 -9.15 -9.81
N CYS A 80 5.72 -8.20 -9.84
CA CYS A 80 5.42 -6.86 -9.41
C CYS A 80 4.27 -6.28 -10.24
N SER A 81 4.10 -6.69 -11.52
N SER A 81 4.14 -6.69 -11.51
CA SER A 81 2.99 -6.25 -12.34
CA SER A 81 3.05 -6.18 -12.33
C SER A 81 1.63 -6.53 -11.70
C SER A 81 1.67 -6.53 -11.74
N ALA A 82 1.52 -7.59 -10.91
CA ALA A 82 0.26 -7.89 -10.25
C ALA A 82 -0.18 -6.78 -9.32
N LEU A 83 0.80 -5.99 -8.85
CA LEU A 83 0.53 -4.89 -7.95
C LEU A 83 0.05 -3.66 -8.70
N LEU A 84 -0.08 -3.68 -10.04
CA LEU A 84 -0.52 -2.53 -10.82
C LEU A 84 -1.97 -2.68 -11.29
N SER A 85 -2.57 -3.84 -10.99
CA SER A 85 -3.90 -4.16 -11.47
C SER A 85 -4.96 -3.22 -10.90
N SER A 86 -6.09 -3.06 -11.62
CA SER A 86 -7.25 -2.37 -11.08
C SER A 86 -7.81 -3.10 -9.86
N ASP A 87 -7.60 -4.40 -9.74
CA ASP A 87 -8.04 -5.19 -8.61
C ASP A 87 -6.94 -5.09 -7.56
N ILE A 88 -7.24 -4.54 -6.38
CA ILE A 88 -6.22 -4.32 -5.37
C ILE A 88 -5.95 -5.54 -4.49
N THR A 89 -6.56 -6.69 -4.79
CA THR A 89 -6.38 -7.86 -3.94
C THR A 89 -4.93 -8.16 -3.67
N ALA A 90 -4.09 -8.24 -4.72
CA ALA A 90 -2.73 -8.63 -4.51
C ALA A 90 -1.97 -7.58 -3.68
N SER A 91 -2.18 -6.29 -3.96
CA SER A 91 -1.54 -5.26 -3.16
C SER A 91 -1.94 -5.38 -1.69
N VAL A 92 -3.22 -5.59 -1.42
CA VAL A 92 -3.67 -5.67 -0.03
C VAL A 92 -3.05 -6.89 0.65
N ASN A 93 -3.07 -8.06 -0.02
CA ASN A 93 -2.52 -9.25 0.59
C ASN A 93 -1.05 -9.09 0.91
N CYS A 94 -0.33 -8.44 -0.02
CA CYS A 94 1.09 -8.22 0.19
C CYS A 94 1.33 -7.18 1.30
N ALA A 95 0.54 -6.10 1.33
CA ALA A 95 0.66 -5.11 2.38
C ALA A 95 0.44 -5.73 3.76
N LYS A 96 -0.48 -6.69 3.88
CA LYS A 96 -0.69 -7.35 5.16
C LYS A 96 0.60 -8.04 5.63
N LYS A 97 1.25 -8.69 4.66
N LYS A 97 1.43 -8.64 4.75
CA LYS A 97 2.52 -9.30 4.96
CA LYS A 97 2.69 -9.27 5.19
C LYS A 97 3.53 -8.25 5.47
C LYS A 97 3.75 -8.20 5.52
N ILE A 98 3.71 -7.13 4.74
CA ILE A 98 4.68 -6.09 5.00
C ILE A 98 4.46 -5.52 6.39
N VAL A 99 3.21 -5.19 6.73
CA VAL A 99 2.94 -4.47 7.97
C VAL A 99 3.12 -5.39 9.16
N SER A 100 3.04 -6.70 8.93
CA SER A 100 3.21 -7.69 9.98
C SER A 100 4.68 -7.99 10.25
N ASP A 101 5.61 -7.65 9.38
CA ASP A 101 6.97 -8.19 9.50
C ASP A 101 7.93 -7.22 10.24
N GLY A 102 7.45 -6.40 11.20
CA GLY A 102 8.30 -5.88 12.28
C GLY A 102 8.17 -4.38 12.64
N ASN A 103 8.16 -3.56 11.58
N ASN A 103 8.30 -3.47 11.64
CA ASN A 103 8.23 -2.11 11.69
CA ASN A 103 8.19 -2.04 11.93
C ASN A 103 6.84 -1.49 11.50
C ASN A 103 6.83 -1.47 11.53
N GLY A 104 5.83 -2.32 11.33
CA GLY A 104 4.48 -1.83 11.13
C GLY A 104 4.41 -0.92 9.89
N MET A 105 3.63 0.14 9.98
CA MET A 105 3.46 0.96 8.80
C MET A 105 4.64 1.89 8.57
N ASN A 106 5.66 1.89 9.43
CA ASN A 106 6.86 2.65 9.17
C ASN A 106 7.57 2.13 7.91
N ALA A 107 7.21 0.96 7.41
CA ALA A 107 7.69 0.46 6.12
C ALA A 107 7.34 1.41 4.97
N TRP A 108 6.29 2.19 5.10
CA TRP A 108 5.84 3.14 4.09
C TRP A 108 6.35 4.53 4.47
N VAL A 109 7.36 5.01 3.74
CA VAL A 109 7.98 6.27 4.06
C VAL A 109 7.01 7.43 3.97
N ALA A 110 6.10 7.42 3.01
CA ALA A 110 5.14 8.52 2.93
C ALA A 110 4.17 8.48 4.13
N TRP A 111 3.81 7.29 4.59
CA TRP A 111 3.00 7.22 5.79
C TRP A 111 3.75 7.80 6.99
N ARG A 112 5.00 7.42 7.18
CA ARG A 112 5.74 7.91 8.29
C ARG A 112 5.84 9.42 8.25
N ASN A 113 6.13 9.97 7.10
CA ASN A 113 6.41 11.39 7.00
C ASN A 113 5.18 12.27 6.85
N ARG A 114 4.04 11.72 6.43
CA ARG A 114 2.89 12.57 6.10
C ARG A 114 1.60 12.11 6.76
N CYS A 115 1.56 10.93 7.39
CA CYS A 115 0.33 10.42 8.00
C CYS A 115 0.50 10.18 9.48
N LYS A 116 1.61 9.54 9.86
CA LYS A 116 1.84 9.19 11.26
C LYS A 116 1.75 10.46 12.13
N GLY A 117 1.09 10.48 13.29
N GLY A 117 0.87 10.24 13.13
CA GLY A 117 1.02 11.70 14.08
CA GLY A 117 0.59 11.17 14.21
C GLY A 117 0.14 12.78 13.48
C GLY A 117 -0.32 12.33 13.81
N THR A 118 -0.76 12.37 12.55
CA THR A 118 -1.73 13.35 12.06
C THR A 118 -3.15 12.83 12.33
N ASP A 119 -4.15 13.67 12.04
CA ASP A 119 -5.53 13.26 12.22
C ASP A 119 -5.96 12.40 11.05
N VAL A 120 -5.56 11.13 11.05
CA VAL A 120 -5.69 10.29 9.86
C VAL A 120 -7.11 9.88 9.60
N GLN A 121 -7.97 9.87 10.58
CA GLN A 121 -9.32 9.43 10.24
C GLN A 121 -10.05 10.54 9.46
N ALA A 122 -9.47 11.73 9.29
CA ALA A 122 -10.00 12.68 8.33
C ALA A 122 -10.11 12.07 6.95
N TRP A 123 -9.21 11.10 6.63
CA TRP A 123 -9.20 10.55 5.29
C TRP A 123 -10.42 9.70 4.94
N ILE A 124 -11.20 9.27 5.97
N ILE A 124 -11.28 9.44 5.91
CA ILE A 124 -12.46 8.55 5.76
CA ILE A 124 -12.50 8.75 5.56
C ILE A 124 -13.69 9.35 6.16
C ILE A 124 -13.75 9.62 5.82
N ARG A 125 -13.50 10.61 6.53
N ARG A 125 -13.56 10.93 5.95
CA ARG A 125 -14.64 11.47 6.87
CA ARG A 125 -14.71 11.79 6.24
C ARG A 125 -15.51 11.67 5.61
C ARG A 125 -15.64 11.73 5.03
N GLY A 126 -16.83 11.43 5.75
N GLY A 126 -16.93 11.79 5.27
CA GLY A 126 -17.84 11.59 4.70
CA GLY A 126 -17.86 11.82 4.17
C GLY A 126 -18.25 10.33 3.93
C GLY A 126 -18.05 10.46 3.50
N CYS A 127 -17.35 9.39 3.95
CA CYS A 127 -17.52 8.11 3.30
C CYS A 127 -18.61 7.29 3.97
N ARG A 128 -19.43 6.58 3.17
N ARG A 128 -19.43 6.63 3.13
CA ARG A 128 -20.47 5.73 3.70
CA ARG A 128 -20.40 5.65 3.58
C ARG A 128 -19.89 4.31 3.66
C ARG A 128 -19.66 4.34 3.60
N LEU A 129 -19.38 3.89 4.81
CA LEU A 129 -18.54 2.70 4.98
C LEU A 129 -19.20 1.72 5.94
N1 EPE B . 12.37 3.47 -0.54
C2 EPE B . 11.21 4.35 -0.74
C3 EPE B . 10.01 3.88 0.03
N4 EPE B . 9.66 2.51 -0.41
C5 EPE B . 10.81 1.60 -0.22
C6 EPE B . 12.03 2.09 -0.93
C7 EPE B . 8.47 2.01 0.30
C8 EPE B . 7.22 2.81 0.13
O8 EPE B . 7.25 3.92 1.04
C9 EPE B . 13.54 3.91 -1.34
C10 EPE B . 14.16 5.24 -0.96
S EPE B . 15.67 5.60 -1.83
O1S EPE B . 15.38 5.53 -3.24
O2S EPE B . 16.02 6.92 -1.41
O3S EPE B . 16.65 4.56 -1.34
N1 ZWL C . 11.56 -10.85 9.51
RU1 ZWL C . 9.88 -11.97 9.82
RU1 ZWL C . 11.79 -8.64 6.93
RU2 ZWL C . 9.86 -12.45 7.60
RU2 ZWL C . 11.46 -9.76 8.96
O1 ZWL C . 11.05 -13.58 10.18
O2 ZWL C . 10.85 -14.18 7.94
O3 ZWL C . 8.22 -13.19 10.05
O4 ZWL C . 8.19 -13.65 7.84
N2 ZWL C . 11.55 -11.36 7.24
C1 ZWL C . 11.32 -14.31 9.13
C7 ZWL C . 12.08 -10.77 8.30
C3 ZWL C . 7.70 -13.81 9.03
O8 ZWL C . 12.25 -15.42 9.31
C20 ZWL C . 12.69 -10.23 5.44
C9 ZWL C . 11.86 -8.97 11.07
C10 ZWL C . 12.52 -8.40 12.13
C15 ZWL C . 12.28 -11.42 6.04
C8 ZWL C . 12.24 -10.17 10.59
C13 ZWL C . 13.32 -10.85 11.23
C16 ZWL C . 12.67 -12.64 5.44
C17 ZWL C . 13.42 -12.66 4.29
C11 ZWL C . 13.58 -9.04 12.73
C12 ZWL C . 13.98 -10.31 12.30
C18 ZWL C . 13.81 -11.47 3.70
C19 ZWL C . 13.46 -10.27 4.26
N1 YWV D . -11.24 11.58 15.20
RU1 YWV D . -9.62 12.20 14.13
RU2 YWV D . -10.23 14.38 14.45
O1 YWV D . -8.58 12.22 15.89
O2 YWV D . -9.01 14.44 16.10
N2 YWV D . -11.76 13.75 15.64
C1 YWV D . -8.39 13.38 16.50
C7 YWV D . -12.06 12.47 15.70
C20 YWV D . -14.09 14.12 16.40
C9 YWV D . -11.72 9.43 14.18
C10 YWV D . -12.14 8.14 14.25
C15 YWV D . -12.79 14.55 16.20
C8 YWV D . -11.65 10.19 15.29
C13 YWV D . -11.99 9.60 16.55
C16 YWV D . -12.71 15.88 16.64
C17 YWV D . -13.56 16.83 17.12
C11 YWV D . -12.47 7.57 15.46
C12 YWV D . -12.42 8.32 16.64
C18 YWV D . -14.82 16.33 17.29
C19 YWV D . -15.04 15.01 16.96
N1 ZWO E . -8.26 -12.56 11.46
C5 ZWO E . -4.97 -12.20 9.83
RU1 ZWO E . -6.49 -13.41 12.07
RU2 ZWO E . -5.64 -11.38 12.59
O6 ZWO E . -4.87 -11.27 10.71
O1 ZWO E . -7.26 -13.56 13.95
O2 ZWO E . -6.30 -11.51 14.50
O5 ZWO E . -5.65 -13.27 10.21
O3 ZWO E . -4.80 -14.30 12.85
O4 ZWO E . -3.87 -12.25 13.19
N2 ZWO E . -7.37 -10.52 11.96
C1 ZWO E . -6.96 -12.56 14.75
C7 ZWO E . -8.35 -11.25 11.44
C3 ZWO E . -3.75 -13.54 13.12
O8 ZWO E . -7.47 -12.53 16.11
C20 ZWO E . -7.90 -8.39 10.86
C9 ZWO E . -9.96 -14.28 11.40
C10 ZWO E . -10.94 -15.02 10.79
C15 ZWO E . -7.64 -9.13 12.03
C8 ZWO E . -9.33 -13.27 10.78
O7 ZWO E . -4.37 -12.05 8.74
C13 ZWO E . -9.76 -12.93 9.45
C16 ZWO E . -7.56 -8.43 13.22
C17 ZWO E . -7.81 -7.08 13.26
C11 ZWO E . -11.36 -14.69 9.52
C12 ZWO E . -10.75 -13.63 8.84
O9 ZWO E . -2.63 -14.05 13.30
C18 ZWO E . -8.10 -6.35 12.12
C19 ZWO E . -8.12 -7.01 10.91
N1 ZXE F . -5.28 17.64 0.91
C5 ZXE F . -3.42 14.86 0.43
RU1 ZXE F . -3.42 17.73 0.08
RU2 ZXE F . -4.20 16.60 -1.74
O6 ZXE F . -3.74 14.86 -0.81
O1 ZXE F . -3.77 19.52 -0.79
O2 ZXE F . -4.61 18.36 -2.64
O5 ZXE F . -2.98 15.97 0.98
O3 ZXE F . -1.52 17.73 -0.68
O4 ZXE F . -2.29 16.60 -2.53
N2 ZXE F . -6.06 16.52 -0.94
C1 ZXE F . -4.32 19.43 -1.99
C7 ZXE F . -6.25 17.04 0.27
C3 ZXE F . -1.35 17.20 -1.87
O8 ZXE F . -4.60 20.73 -2.63
C20 ZXE F . -7.88 14.91 -0.95
C9 ZXE F . -6.47 19.45 2.02
C10 ZXE F . -6.80 20.12 3.17
C15 ZXE F . -7.18 15.95 -1.58
C8 ZXE F . -5.64 18.39 2.09
C13 ZXE F . -5.11 17.98 3.36
C16 ZXE F . -7.64 16.39 -2.82
C17 ZXE F . -8.74 15.80 -3.37
C11 ZXE F . -6.31 19.75 4.40
C12 ZXE F . -5.45 18.65 4.50
O9 ZXE F . -0.20 17.34 -2.28
C18 ZXE F . -9.42 14.76 -2.77
C19 ZXE F . -9.01 14.29 -1.54
#